data_1PZD
#
_entry.id   1PZD
#
_cell.length_a   49.570
_cell.length_b   89.560
_cell.length_c   98.600
_cell.angle_alpha   90.00
_cell.angle_beta   90.00
_cell.angle_gamma   90.00
#
_symmetry.space_group_name_H-M   'P 21 21 21'
#
loop_
_entity.id
_entity.type
_entity.pdbx_description
1 polymer 'Coatomer gamma subunit'
2 non-polymer 'SULFATE ION'
3 water water
#
_entity_poly.entity_id   1
_entity_poly.type   'polypeptide(L)'
_entity_poly.pdbx_seq_one_letter_code
;GSIPGLERALQQYTLEPSEKPFDLKSVPLATAPLAEQRTESTPVTAAKQPEKVAATRQEIFQEQLAAVPEFQGLGPLFKS
SPEPVALTESETEYVIRCTKHTFTDHMVFQFDCTNTLNDQTLENVTVQMEPSEAYEVLCYVPARSLPYNQPGTCYTLVAL
PKEDPTAVACTFSCVMKFTVKDCDPTTGEADDEGYEDEYVLEDLEVTIADHIQKVMKLNFEAAWDEVGDEFQKEETFTLS
TIKTLEEAVGNIVKFLGMHPCERSDKVPDNKNTHTLLLAGVFRGGHDILVRSRLLLLDTVTMQVTARSSEELPVDIVLAS
VG
;
_entity_poly.pdbx_strand_id   A
#
loop_
_chem_comp.id
_chem_comp.type
_chem_comp.name
_chem_comp.formula
SO4 non-polymer 'SULFATE ION' 'O4 S -2'
#
# COMPACT_ATOMS: atom_id res chain seq x y z
N LYS A 52 7.89 24.49 -11.44
CA LYS A 52 8.90 23.46 -11.09
C LYS A 52 8.58 22.17 -11.84
N VAL A 53 9.62 21.50 -12.34
CA VAL A 53 9.44 20.25 -13.09
C VAL A 53 9.69 19.01 -12.24
N ALA A 54 8.81 18.01 -12.38
CA ALA A 54 8.93 16.75 -11.63
C ALA A 54 10.22 16.03 -11.97
N ALA A 55 10.94 15.56 -10.95
CA ALA A 55 12.19 14.86 -11.17
C ALA A 55 12.21 13.48 -10.52
N THR A 56 11.09 13.09 -9.90
CA THR A 56 10.99 11.78 -9.26
C THR A 56 9.64 11.13 -9.55
N ARG A 57 9.55 9.83 -9.32
CA ARG A 57 8.30 9.13 -9.55
C ARG A 57 7.18 9.69 -8.68
N GLN A 58 7.51 10.07 -7.45
CA GLN A 58 6.49 10.60 -6.56
C GLN A 58 6.01 11.98 -7.02
N GLU A 59 6.94 12.81 -7.46
CA GLU A 59 6.55 14.13 -7.97
C GLU A 59 5.61 14.00 -9.17
N ILE A 60 5.87 13.02 -10.04
CA ILE A 60 4.99 12.80 -11.19
C ILE A 60 3.60 12.45 -10.69
N PHE A 61 3.52 11.48 -9.78
CA PHE A 61 2.22 11.08 -9.21
C PHE A 61 1.51 12.26 -8.55
N GLN A 62 2.25 13.04 -7.75
CA GLN A 62 1.67 14.22 -7.08
C GLN A 62 1.05 15.16 -8.11
N GLU A 63 1.73 15.38 -9.23
CA GLU A 63 1.23 16.23 -10.30
C GLU A 63 -0.07 15.68 -10.88
N GLN A 64 -0.06 14.41 -11.24
CA GLN A 64 -1.25 13.78 -11.81
C GLN A 64 -2.42 13.84 -10.83
N LEU A 65 -2.16 13.51 -9.57
CA LEU A 65 -3.22 13.53 -8.57
C LEU A 65 -3.75 14.95 -8.34
N ALA A 66 -2.85 15.93 -8.33
CA ALA A 66 -3.25 17.32 -8.13
C ALA A 66 -4.15 17.82 -9.25
N ALA A 67 -3.96 17.30 -10.46
CA ALA A 67 -4.78 17.71 -11.60
C ALA A 67 -6.19 17.12 -11.54
N VAL A 68 -6.44 16.17 -10.64
CA VAL A 68 -7.77 15.58 -10.52
C VAL A 68 -8.66 16.48 -9.67
N PRO A 69 -9.76 16.99 -10.25
CA PRO A 69 -10.72 17.88 -9.58
C PRO A 69 -11.20 17.40 -8.22
N GLU A 70 -11.69 16.16 -8.18
CA GLU A 70 -12.20 15.58 -6.94
C GLU A 70 -11.18 15.47 -5.81
N PHE A 71 -9.91 15.61 -6.13
CA PHE A 71 -8.87 15.49 -5.10
C PHE A 71 -8.31 16.83 -4.62
N GLN A 72 -8.93 17.94 -5.04
CA GLN A 72 -8.46 19.26 -4.65
C GLN A 72 -8.30 19.47 -3.14
N GLY A 73 -9.14 18.79 -2.35
CA GLY A 73 -9.09 18.95 -0.91
C GLY A 73 -8.00 18.17 -0.17
N LEU A 74 -7.39 17.20 -0.83
CA LEU A 74 -6.35 16.39 -0.21
C LEU A 74 -5.06 17.16 0.05
N GLY A 75 -4.38 16.79 1.14
CA GLY A 75 -3.11 17.41 1.46
C GLY A 75 -2.06 16.75 0.58
N PRO A 76 -0.77 16.92 0.88
CA PRO A 76 0.29 16.31 0.08
C PRO A 76 0.43 14.79 0.13
N LEU A 77 0.79 14.22 -1.01
CA LEU A 77 0.99 12.78 -1.17
C LEU A 77 2.15 12.32 -0.26
N PHE A 78 1.89 11.31 0.57
CA PHE A 78 2.94 10.81 1.46
C PHE A 78 3.78 9.75 0.76
N LYS A 79 3.14 8.85 0.03
CA LYS A 79 3.86 7.81 -0.72
C LYS A 79 2.98 7.04 -1.70
N SER A 80 3.63 6.38 -2.65
CA SER A 80 2.93 5.58 -3.66
C SER A 80 3.61 4.22 -3.69
N SER A 81 2.85 3.16 -3.94
CA SER A 81 3.46 1.83 -4.01
C SER A 81 4.49 1.84 -5.14
N PRO A 82 5.62 1.15 -4.93
CA PRO A 82 6.72 1.06 -5.90
C PRO A 82 6.44 0.38 -7.23
N GLU A 83 5.56 -0.62 -7.23
CA GLU A 83 5.24 -1.34 -8.46
C GLU A 83 3.75 -1.60 -8.56
N PRO A 84 3.18 -1.42 -9.75
CA PRO A 84 1.73 -1.67 -9.88
C PRO A 84 1.44 -3.16 -9.66
N VAL A 85 0.28 -3.46 -9.12
CA VAL A 85 -0.11 -4.85 -8.91
C VAL A 85 -1.20 -5.19 -9.92
N ALA A 86 -0.99 -6.24 -10.68
CA ALA A 86 -1.95 -6.68 -11.68
C ALA A 86 -3.12 -7.33 -10.98
N LEU A 87 -4.34 -6.90 -11.34
CA LEU A 87 -5.53 -7.43 -10.71
C LEU A 87 -6.31 -8.45 -11.56
N THR A 88 -5.72 -8.88 -12.66
CA THR A 88 -6.32 -9.91 -13.51
C THR A 88 -5.18 -10.78 -14.01
N GLU A 89 -5.50 -11.99 -14.50
CA GLU A 89 -4.45 -12.87 -15.01
C GLU A 89 -3.94 -12.29 -16.31
N SER A 90 -2.72 -12.66 -16.69
CA SER A 90 -2.15 -12.15 -17.93
C SER A 90 -2.90 -12.67 -19.15
N GLU A 91 -2.78 -11.94 -20.25
CA GLU A 91 -3.41 -12.30 -21.52
C GLU A 91 -4.92 -12.53 -21.49
N THR A 92 -5.65 -11.78 -20.66
CA THR A 92 -7.10 -11.92 -20.63
C THR A 92 -7.73 -10.66 -21.22
N GLU A 93 -9.04 -10.57 -21.17
N GLU A 93 -9.04 -10.57 -21.17
CA GLU A 93 -9.78 -9.44 -21.73
CA GLU A 93 -9.79 -9.45 -21.71
C GLU A 93 -9.24 -8.08 -21.27
C GLU A 93 -9.25 -8.09 -21.28
N TYR A 94 -9.05 -7.93 -19.97
CA TYR A 94 -8.57 -6.67 -19.42
C TYR A 94 -7.24 -6.71 -18.71
N VAL A 95 -6.61 -5.53 -18.64
CA VAL A 95 -5.36 -5.37 -17.93
C VAL A 95 -5.68 -4.26 -16.92
N ILE A 96 -5.67 -4.60 -15.63
CA ILE A 96 -5.95 -3.66 -14.57
C ILE A 96 -4.76 -3.63 -13.63
N ARG A 97 -4.02 -2.53 -13.62
CA ARG A 97 -2.85 -2.41 -12.77
C ARG A 97 -3.08 -1.33 -11.73
N CYS A 98 -3.01 -1.71 -10.48
CA CYS A 98 -3.27 -0.80 -9.37
C CYS A 98 -2.08 -0.24 -8.62
N THR A 99 -2.11 1.06 -8.38
CA THR A 99 -1.06 1.72 -7.62
C THR A 99 -1.74 2.35 -6.42
N LYS A 100 -1.15 2.20 -5.25
CA LYS A 100 -1.71 2.73 -4.02
C LYS A 100 -1.02 4.03 -3.62
N HIS A 101 -1.82 5.08 -3.43
CA HIS A 101 -1.31 6.38 -3.03
C HIS A 101 -1.78 6.67 -1.60
N THR A 102 -0.82 6.89 -0.71
CA THR A 102 -1.12 7.15 0.69
C THR A 102 -1.01 8.62 1.05
N PHE A 103 -2.06 9.14 1.68
CA PHE A 103 -2.09 10.51 2.15
C PHE A 103 -2.14 10.47 3.69
N THR A 104 -2.10 11.62 4.34
CA THR A 104 -2.11 11.65 5.80
C THR A 104 -3.32 10.94 6.43
N ASP A 105 -4.51 11.15 5.87
CA ASP A 105 -5.73 10.54 6.39
C ASP A 105 -6.57 9.83 5.34
N HIS A 106 -6.03 9.67 4.13
CA HIS A 106 -6.78 9.00 3.08
C HIS A 106 -5.85 8.18 2.21
N MET A 107 -6.48 7.42 1.32
CA MET A 107 -5.74 6.63 0.36
C MET A 107 -6.48 6.74 -0.96
N VAL A 108 -5.73 6.82 -2.04
CA VAL A 108 -6.31 6.87 -3.36
C VAL A 108 -5.80 5.64 -4.08
N PHE A 109 -6.69 4.94 -4.76
CA PHE A 109 -6.29 3.76 -5.49
C PHE A 109 -6.39 4.10 -6.96
N GLN A 110 -5.26 4.01 -7.64
CA GLN A 110 -5.18 4.30 -9.06
C GLN A 110 -5.21 3.01 -9.85
N PHE A 111 -6.08 2.96 -10.86
CA PHE A 111 -6.19 1.78 -11.68
C PHE A 111 -5.94 2.11 -13.15
N ASP A 112 -4.85 1.58 -13.70
CA ASP A 112 -4.54 1.79 -15.11
C ASP A 112 -5.18 0.63 -15.83
N CYS A 113 -6.20 0.95 -16.60
CA CYS A 113 -6.99 -0.05 -17.31
C CYS A 113 -6.86 -0.08 -18.82
N THR A 114 -6.78 -1.29 -19.36
CA THR A 114 -6.68 -1.47 -20.80
C THR A 114 -7.71 -2.48 -21.31
N ASN A 115 -8.49 -2.07 -22.30
CA ASN A 115 -9.48 -2.96 -22.90
C ASN A 115 -8.75 -3.53 -24.12
N THR A 116 -8.52 -4.84 -24.14
CA THR A 116 -7.81 -5.46 -25.25
C THR A 116 -8.70 -6.06 -26.35
N LEU A 117 -10.00 -5.76 -26.33
CA LEU A 117 -10.87 -6.29 -27.38
C LEU A 117 -11.16 -5.18 -28.37
N ASN A 118 -11.03 -5.48 -29.66
CA ASN A 118 -11.23 -4.48 -30.71
C ASN A 118 -12.66 -4.29 -31.19
N ASP A 119 -13.59 -5.14 -30.76
CA ASP A 119 -14.97 -5.00 -31.23
C ASP A 119 -15.86 -4.35 -30.18
N GLN A 120 -15.25 -3.67 -29.22
CA GLN A 120 -16.01 -2.98 -28.18
C GLN A 120 -15.20 -1.85 -27.58
N THR A 121 -15.89 -0.99 -26.85
CA THR A 121 -15.27 0.13 -26.16
C THR A 121 -15.95 0.26 -24.81
N LEU A 122 -15.19 0.47 -23.74
CA LEU A 122 -15.79 0.63 -22.43
C LEU A 122 -15.81 2.12 -22.08
N GLU A 123 -16.86 2.56 -21.41
CA GLU A 123 -16.95 3.96 -21.02
C GLU A 123 -17.39 4.09 -19.57
N ASN A 124 -17.14 5.25 -18.98
CA ASN A 124 -17.54 5.51 -17.60
C ASN A 124 -17.10 4.33 -16.74
N VAL A 125 -15.79 4.04 -16.76
CA VAL A 125 -15.22 2.92 -16.03
C VAL A 125 -14.66 3.25 -14.65
N THR A 126 -15.05 2.46 -13.66
CA THR A 126 -14.54 2.62 -12.30
C THR A 126 -14.27 1.24 -11.72
N VAL A 127 -13.63 1.21 -10.57
CA VAL A 127 -13.35 -0.05 -9.90
C VAL A 127 -13.96 0.10 -8.50
N GLN A 128 -15.08 -0.58 -8.29
CA GLN A 128 -15.80 -0.55 -7.01
C GLN A 128 -15.02 -1.35 -5.99
N MET A 129 -14.93 -0.83 -4.77
CA MET A 129 -14.18 -1.51 -3.74
C MET A 129 -14.98 -1.76 -2.46
N GLU A 130 -14.86 -2.97 -1.94
CA GLU A 130 -15.56 -3.38 -0.71
C GLU A 130 -14.48 -3.78 0.31
N PRO A 131 -14.30 -2.98 1.35
CA PRO A 131 -13.31 -3.22 2.40
C PRO A 131 -13.72 -4.19 3.53
N SER A 132 -12.74 -4.84 4.12
CA SER A 132 -12.96 -5.76 5.23
C SER A 132 -13.00 -4.94 6.51
N GLU A 133 -12.10 -3.96 6.59
CA GLU A 133 -12.02 -3.08 7.76
C GLU A 133 -12.89 -1.85 7.57
N ALA A 134 -12.76 -0.88 8.47
CA ALA A 134 -13.55 0.33 8.40
C ALA A 134 -13.01 1.43 7.48
N TYR A 135 -12.60 1.06 6.29
CA TYR A 135 -12.11 2.04 5.32
C TYR A 135 -13.36 2.51 4.58
N GLU A 136 -13.68 3.79 4.64
CA GLU A 136 -14.87 4.29 3.96
C GLU A 136 -14.56 4.81 2.56
N VAL A 137 -15.23 4.25 1.56
CA VAL A 137 -15.06 4.69 0.19
C VAL A 137 -15.77 6.04 0.08
N LEU A 138 -15.03 7.07 -0.33
CA LEU A 138 -15.60 8.41 -0.44
C LEU A 138 -15.92 8.92 -1.84
N CYS A 139 -15.22 8.41 -2.85
CA CYS A 139 -15.43 8.94 -4.19
C CYS A 139 -14.87 8.03 -5.28
N TYR A 140 -15.55 8.01 -6.42
CA TYR A 140 -15.17 7.22 -7.57
C TYR A 140 -14.94 8.16 -8.75
N VAL A 141 -13.73 8.20 -9.29
CA VAL A 141 -13.43 9.03 -10.45
C VAL A 141 -13.25 8.08 -11.63
N PRO A 142 -14.20 8.13 -12.56
CA PRO A 142 -14.16 7.25 -13.74
C PRO A 142 -13.18 7.56 -14.86
N ALA A 143 -12.84 6.52 -15.61
CA ALA A 143 -12.00 6.65 -16.79
C ALA A 143 -13.15 6.86 -17.78
N ARG A 144 -13.18 7.98 -18.48
CA ARG A 144 -14.28 8.24 -19.40
C ARG A 144 -14.42 7.24 -20.54
N SER A 145 -13.30 6.90 -21.19
CA SER A 145 -13.34 5.99 -22.32
C SER A 145 -12.11 5.10 -22.45
N LEU A 146 -12.34 3.81 -22.71
CA LEU A 146 -11.25 2.86 -22.88
C LEU A 146 -11.36 2.13 -24.21
N PRO A 147 -10.91 2.77 -25.30
CA PRO A 147 -10.97 2.13 -26.62
C PRO A 147 -9.95 1.00 -26.68
N TYR A 148 -10.02 0.22 -27.75
CA TYR A 148 -9.08 -0.86 -27.98
C TYR A 148 -7.62 -0.42 -27.74
N ASN A 149 -6.92 -1.18 -26.91
CA ASN A 149 -5.51 -0.94 -26.59
C ASN A 149 -5.07 0.47 -26.17
N GLN A 150 -6.01 1.27 -25.68
CA GLN A 150 -5.67 2.62 -25.24
C GLN A 150 -5.88 2.73 -23.73
N PRO A 151 -4.84 2.45 -22.94
CA PRO A 151 -4.93 2.52 -21.48
C PRO A 151 -5.57 3.80 -20.96
N GLY A 152 -6.35 3.66 -19.90
CA GLY A 152 -7.03 4.79 -19.28
C GLY A 152 -6.94 4.64 -17.77
N THR A 153 -7.23 5.70 -17.03
CA THR A 153 -7.10 5.66 -15.59
C THR A 153 -8.34 6.06 -14.82
N CYS A 154 -8.63 5.33 -13.75
CA CYS A 154 -9.76 5.66 -12.90
C CYS A 154 -9.24 5.62 -11.47
N TYR A 155 -9.93 6.27 -10.54
CA TYR A 155 -9.47 6.29 -9.17
C TYR A 155 -10.61 6.05 -8.19
N THR A 156 -10.22 5.58 -7.01
CA THR A 156 -11.14 5.34 -5.92
C THR A 156 -10.50 5.96 -4.68
N LEU A 157 -11.20 6.90 -4.06
CA LEU A 157 -10.71 7.59 -2.86
C LEU A 157 -11.36 7.00 -1.60
N VAL A 158 -10.57 6.84 -0.53
CA VAL A 158 -11.13 6.30 0.70
C VAL A 158 -10.55 6.95 1.95
N ALA A 159 -11.32 6.89 3.04
CA ALA A 159 -10.86 7.45 4.32
C ALA A 159 -10.28 6.29 5.10
N LEU A 160 -9.26 6.57 5.92
CA LEU A 160 -8.66 5.55 6.74
C LEU A 160 -9.60 5.33 7.92
N PRO A 161 -9.57 4.15 8.55
CA PRO A 161 -10.46 3.90 9.69
C PRO A 161 -10.35 4.95 10.79
N LYS A 162 -11.50 5.46 11.23
CA LYS A 162 -11.54 6.48 12.29
C LYS A 162 -11.67 5.87 13.68
N GLU A 163 -12.73 5.09 13.89
CA GLU A 163 -12.98 4.43 15.17
C GLU A 163 -11.74 3.75 15.75
N ASP A 164 -11.14 2.85 14.98
CA ASP A 164 -9.95 2.13 15.41
C ASP A 164 -8.77 2.39 14.48
N PRO A 165 -8.01 3.47 14.73
CA PRO A 165 -6.85 3.88 13.94
C PRO A 165 -5.81 2.78 13.76
N THR A 166 -5.99 1.69 14.50
CA THR A 166 -5.08 0.56 14.47
C THR A 166 -5.31 -0.44 13.33
N ALA A 167 -6.53 -0.49 12.83
CA ALA A 167 -6.86 -1.42 11.75
C ALA A 167 -6.37 -0.99 10.37
N VAL A 168 -5.06 -0.83 10.21
CA VAL A 168 -4.52 -0.42 8.92
C VAL A 168 -4.56 -1.55 7.89
N ALA A 169 -4.44 -2.79 8.35
CA ALA A 169 -4.50 -3.92 7.43
C ALA A 169 -5.93 -4.02 6.92
N CYS A 170 -6.10 -4.37 5.64
CA CYS A 170 -7.44 -4.46 5.07
C CYS A 170 -7.40 -5.13 3.70
N THR A 171 -8.49 -5.79 3.35
CA THR A 171 -8.59 -6.47 2.06
C THR A 171 -9.79 -5.89 1.32
N PHE A 172 -9.61 -5.55 0.05
CA PHE A 172 -10.68 -4.97 -0.74
C PHE A 172 -11.17 -5.88 -1.87
N SER A 173 -12.48 -6.02 -2.00
CA SER A 173 -13.04 -6.80 -3.09
C SER A 173 -13.12 -5.78 -4.22
N CYS A 174 -12.58 -6.12 -5.39
CA CYS A 174 -12.59 -5.19 -6.50
C CYS A 174 -13.43 -5.65 -7.69
N VAL A 175 -14.26 -4.75 -8.17
CA VAL A 175 -15.13 -5.05 -9.30
C VAL A 175 -15.18 -3.84 -10.21
N MET A 176 -14.79 -4.01 -11.46
CA MET A 176 -14.86 -2.86 -12.36
C MET A 176 -16.27 -2.79 -12.94
N LYS A 177 -16.84 -1.60 -12.91
CA LYS A 177 -18.18 -1.32 -13.43
C LYS A 177 -18.03 -0.45 -14.65
N PHE A 178 -18.78 -0.76 -15.70
CA PHE A 178 -18.67 0.01 -16.92
C PHE A 178 -19.85 -0.13 -17.87
N THR A 179 -19.80 0.66 -18.94
CA THR A 179 -20.81 0.66 -19.97
C THR A 179 -20.12 0.03 -21.18
N VAL A 180 -20.74 -1.00 -21.74
CA VAL A 180 -20.17 -1.66 -22.91
C VAL A 180 -20.87 -1.19 -24.15
N LYS A 181 -20.09 -0.82 -25.17
CA LYS A 181 -20.68 -0.38 -26.43
C LYS A 181 -20.05 -1.11 -27.60
N ASP A 182 -20.89 -1.61 -28.49
CA ASP A 182 -20.42 -2.31 -29.68
C ASP A 182 -19.53 -1.35 -30.44
N CYS A 183 -18.54 -1.89 -31.13
CA CYS A 183 -17.60 -1.07 -31.85
C CYS A 183 -17.24 -1.76 -33.16
N ASP A 184 -16.98 -0.98 -34.20
CA ASP A 184 -16.60 -1.54 -35.50
C ASP A 184 -15.11 -1.84 -35.47
N PRO A 185 -14.74 -3.12 -35.62
CA PRO A 185 -13.35 -3.59 -35.63
C PRO A 185 -12.38 -2.79 -36.48
N THR A 186 -12.89 -1.99 -37.41
CA THR A 186 -12.01 -1.21 -38.27
C THR A 186 -12.45 0.21 -38.56
N THR A 187 -13.03 0.87 -37.56
CA THR A 187 -13.46 2.26 -37.71
C THR A 187 -13.37 2.93 -36.35
N GLY A 188 -13.37 2.11 -35.31
CA GLY A 188 -13.27 2.62 -33.94
C GLY A 188 -14.56 3.30 -33.50
N GLU A 189 -15.50 3.45 -34.42
CA GLU A 189 -16.78 4.10 -34.13
C GLU A 189 -17.63 3.21 -33.22
N ALA A 190 -17.97 3.72 -32.05
CA ALA A 190 -18.77 2.98 -31.08
C ALA A 190 -20.23 3.39 -31.12
N ASP A 191 -21.13 2.41 -31.09
CA ASP A 191 -22.57 2.68 -31.12
C ASP A 191 -22.95 3.72 -30.07
N ASP A 192 -24.04 4.42 -30.36
CA ASP A 192 -24.54 5.47 -29.48
C ASP A 192 -24.93 4.98 -28.09
N GLU A 193 -25.42 3.76 -28.01
CA GLU A 193 -25.83 3.20 -26.73
C GLU A 193 -25.28 1.81 -26.46
N GLY A 194 -25.32 1.40 -25.20
CA GLY A 194 -24.83 0.09 -24.81
C GLY A 194 -25.49 -0.33 -23.51
N TYR A 195 -24.87 -1.24 -22.78
CA TYR A 195 -25.45 -1.69 -21.51
C TYR A 195 -24.43 -1.69 -20.38
N GLU A 196 -24.91 -1.75 -19.14
CA GLU A 196 -24.06 -1.76 -17.96
C GLU A 196 -23.60 -3.18 -17.67
N ASP A 197 -22.33 -3.34 -17.34
CA ASP A 197 -21.80 -4.66 -17.05
C ASP A 197 -20.75 -4.56 -15.95
N GLU A 198 -20.26 -5.72 -15.50
CA GLU A 198 -19.25 -5.75 -14.45
C GLU A 198 -18.22 -6.82 -14.75
N TYR A 199 -17.08 -6.74 -14.08
CA TYR A 199 -16.00 -7.72 -14.25
C TYR A 199 -15.26 -7.86 -12.91
N VAL A 200 -15.28 -9.05 -12.35
CA VAL A 200 -14.63 -9.28 -11.07
C VAL A 200 -13.11 -9.37 -11.17
N LEU A 201 -12.44 -8.66 -10.26
CA LEU A 201 -10.98 -8.64 -10.23
C LEU A 201 -10.48 -9.32 -8.95
N GLU A 202 -9.17 -9.57 -8.90
CA GLU A 202 -8.56 -10.16 -7.73
C GLU A 202 -8.75 -9.15 -6.61
N ASP A 203 -8.64 -9.59 -5.36
CA ASP A 203 -8.78 -8.68 -4.23
C ASP A 203 -7.52 -7.84 -4.14
N LEU A 204 -7.61 -6.71 -3.46
CA LEU A 204 -6.47 -5.83 -3.27
C LEU A 204 -6.15 -5.81 -1.77
N GLU A 205 -4.87 -5.89 -1.42
CA GLU A 205 -4.45 -5.90 -0.02
C GLU A 205 -3.70 -4.64 0.41
N VAL A 206 -4.11 -4.09 1.54
CA VAL A 206 -3.44 -2.93 2.12
C VAL A 206 -2.83 -3.43 3.43
N THR A 207 -1.59 -3.05 3.71
CA THR A 207 -0.92 -3.48 4.94
C THR A 207 -0.23 -2.27 5.56
N ILE A 208 0.35 -2.48 6.74
CA ILE A 208 1.03 -1.40 7.44
C ILE A 208 2.18 -0.85 6.59
N ALA A 209 2.70 -1.66 5.68
CA ALA A 209 3.82 -1.22 4.83
C ALA A 209 3.42 -0.05 3.93
N ASP A 210 2.13 0.09 3.65
CA ASP A 210 1.62 1.18 2.81
C ASP A 210 1.48 2.48 3.59
N HIS A 211 1.71 2.41 4.90
CA HIS A 211 1.61 3.57 5.78
C HIS A 211 2.97 4.01 6.27
N ILE A 212 4.01 3.36 5.76
CA ILE A 212 5.37 3.68 6.17
C ILE A 212 6.30 3.87 4.97
N GLN A 213 7.25 4.78 5.12
CA GLN A 213 8.25 5.08 4.09
C GLN A 213 9.60 4.80 4.74
N LYS A 214 10.39 3.93 4.12
CA LYS A 214 11.68 3.59 4.69
C LYS A 214 12.75 4.66 4.49
N VAL A 215 13.70 4.73 5.42
CA VAL A 215 14.79 5.71 5.38
C VAL A 215 16.03 5.20 6.12
N MET A 216 17.22 5.59 5.64
CA MET A 216 18.47 5.18 6.31
C MET A 216 18.92 6.29 7.26
N LYS A 217 18.74 6.07 8.55
CA LYS A 217 19.12 7.04 9.57
C LYS A 217 20.63 7.09 9.78
N LEU A 218 21.12 8.31 9.98
CA LEU A 218 22.55 8.55 10.21
C LEU A 218 23.07 7.57 11.25
N ASN A 219 22.45 7.60 12.43
CA ASN A 219 22.84 6.73 13.53
C ASN A 219 21.60 6.28 14.29
N PHE A 220 21.35 4.97 14.32
CA PHE A 220 20.17 4.46 15.03
C PHE A 220 20.27 4.85 16.50
N GLU A 221 21.42 4.60 17.09
CA GLU A 221 21.67 4.93 18.49
C GLU A 221 21.30 6.40 18.72
N ALA A 222 21.74 7.25 17.80
CA ALA A 222 21.45 8.68 17.89
C ALA A 222 19.98 8.98 17.71
N ALA A 223 19.41 8.49 16.60
CA ALA A 223 18.01 8.71 16.30
C ALA A 223 17.10 8.19 17.42
N TRP A 224 17.44 7.01 17.94
CA TRP A 224 16.67 6.38 19.01
C TRP A 224 16.63 7.26 20.26
N ASP A 225 17.76 7.86 20.60
CA ASP A 225 17.82 8.74 21.76
C ASP A 225 17.22 10.09 21.42
N GLU A 226 17.45 10.52 20.19
CA GLU A 226 16.95 11.80 19.70
C GLU A 226 15.42 11.86 19.75
N VAL A 227 14.77 10.78 19.34
CA VAL A 227 13.31 10.73 19.34
C VAL A 227 12.75 10.76 20.76
N GLY A 228 13.37 10.00 21.66
CA GLY A 228 12.91 9.97 23.04
C GLY A 228 12.18 8.69 23.39
N ASP A 229 11.72 8.59 24.63
CA ASP A 229 11.01 7.40 25.08
C ASP A 229 9.63 7.71 25.66
N GLU A 230 9.12 8.90 25.39
CA GLU A 230 7.81 9.29 25.90
C GLU A 230 6.70 8.32 25.47
N PHE A 231 6.81 7.78 24.26
CA PHE A 231 5.80 6.86 23.78
C PHE A 231 6.31 5.47 23.48
N GLN A 232 7.47 5.13 24.05
CA GLN A 232 8.05 3.82 23.84
C GLN A 232 7.11 2.74 24.36
N LYS A 233 7.03 1.62 23.64
CA LYS A 233 6.19 0.50 24.03
C LYS A 233 6.82 -0.81 23.58
N GLU A 234 6.49 -1.90 24.28
CA GLU A 234 7.07 -3.20 23.96
C GLU A 234 6.02 -4.30 23.97
N GLU A 235 6.25 -5.33 23.15
CA GLU A 235 5.34 -6.45 23.08
C GLU A 235 6.16 -7.66 22.62
N THR A 236 5.86 -8.83 23.18
CA THR A 236 6.59 -10.04 22.82
C THR A 236 5.73 -10.98 22.01
N PHE A 237 6.23 -11.40 20.85
N PHE A 237 6.23 -11.40 20.85
CA PHE A 237 5.49 -12.30 19.97
CA PHE A 237 5.49 -12.30 19.97
C PHE A 237 6.29 -13.56 19.71
C PHE A 237 6.29 -13.56 19.71
N THR A 238 5.58 -14.65 19.40
CA THR A 238 6.23 -15.91 19.11
C THR A 238 5.86 -16.34 17.68
N LEU A 239 6.89 -16.49 16.85
CA LEU A 239 6.69 -16.93 15.47
C LEU A 239 6.73 -18.46 15.52
N SER A 240 5.59 -19.03 15.87
CA SER A 240 5.40 -20.48 16.00
C SER A 240 5.86 -21.37 14.85
N THR A 241 5.81 -20.85 13.63
CA THR A 241 6.20 -21.63 12.46
C THR A 241 7.65 -21.42 12.00
N ILE A 242 8.20 -20.25 12.27
CA ILE A 242 9.58 -19.96 11.88
C ILE A 242 10.54 -20.67 12.85
N LYS A 243 11.59 -21.27 12.30
CA LYS A 243 12.55 -22.00 13.12
C LYS A 243 13.97 -21.54 12.87
N THR A 244 14.13 -20.37 12.28
CA THR A 244 15.45 -19.80 12.00
C THR A 244 15.43 -18.29 12.11
N LEU A 245 16.52 -17.71 12.62
CA LEU A 245 16.61 -16.27 12.78
C LEU A 245 16.67 -15.55 11.43
N GLU A 246 17.33 -16.16 10.46
CA GLU A 246 17.46 -15.56 9.13
C GLU A 246 16.09 -15.31 8.50
N GLU A 247 15.22 -16.31 8.58
CA GLU A 247 13.88 -16.20 8.02
C GLU A 247 13.06 -15.17 8.79
N ALA A 248 13.06 -15.27 10.12
CA ALA A 248 12.32 -14.34 10.96
C ALA A 248 12.64 -12.91 10.58
N VAL A 249 13.93 -12.59 10.57
CA VAL A 249 14.37 -11.24 10.21
C VAL A 249 13.82 -10.88 8.82
N GLY A 250 13.87 -11.84 7.91
CA GLY A 250 13.38 -11.57 6.56
C GLY A 250 11.92 -11.19 6.53
N ASN A 251 11.08 -12.00 7.18
CA ASN A 251 9.65 -11.75 7.22
C ASN A 251 9.23 -10.41 7.84
N ILE A 252 9.91 -10.03 8.92
CA ILE A 252 9.56 -8.78 9.58
C ILE A 252 9.98 -7.56 8.76
N VAL A 253 11.13 -7.66 8.09
CA VAL A 253 11.60 -6.56 7.27
C VAL A 253 10.64 -6.29 6.11
N LYS A 254 10.14 -7.36 5.49
CA LYS A 254 9.20 -7.24 4.38
C LYS A 254 7.80 -6.85 4.85
N PHE A 255 7.39 -7.36 6.01
CA PHE A 255 6.06 -7.06 6.54
C PHE A 255 5.90 -5.61 6.98
N LEU A 256 6.90 -5.06 7.67
CA LEU A 256 6.83 -3.67 8.16
C LEU A 256 7.21 -2.64 7.10
N GLY A 257 7.91 -3.07 6.05
CA GLY A 257 8.31 -2.16 5.01
C GLY A 257 9.23 -1.07 5.55
N MET A 258 10.08 -1.43 6.50
CA MET A 258 11.02 -0.48 7.08
C MET A 258 12.45 -0.84 6.72
N HIS A 259 13.36 0.11 6.90
CA HIS A 259 14.76 -0.09 6.58
C HIS A 259 15.62 -0.61 7.73
N PRO A 260 16.26 -1.78 7.55
CA PRO A 260 17.11 -2.34 8.61
C PRO A 260 18.45 -1.61 8.64
N CYS A 261 18.71 -0.89 9.73
CA CYS A 261 19.95 -0.13 9.89
C CYS A 261 21.11 -0.96 10.41
N GLU A 262 22.31 -0.41 10.28
CA GLU A 262 23.54 -1.07 10.74
C GLU A 262 23.62 -2.56 10.39
N ARG A 263 23.36 -2.88 9.13
CA ARG A 263 23.42 -4.27 8.66
C ARG A 263 22.61 -5.22 9.53
N SER A 264 21.71 -4.68 10.34
CA SER A 264 20.88 -5.48 11.24
C SER A 264 20.22 -6.67 10.57
N ASP A 265 20.03 -6.61 9.25
CA ASP A 265 19.40 -7.72 8.55
C ASP A 265 20.37 -8.87 8.32
N LYS A 266 21.65 -8.64 8.64
CA LYS A 266 22.68 -9.66 8.49
C LYS A 266 22.87 -10.40 9.81
N VAL A 267 22.44 -11.66 9.84
CA VAL A 267 22.53 -12.49 11.04
C VAL A 267 23.74 -13.42 11.01
N PRO A 268 24.71 -13.20 11.93
CA PRO A 268 25.91 -14.03 12.02
C PRO A 268 25.63 -15.53 12.03
N ASP A 269 26.63 -16.31 11.67
CA ASP A 269 26.51 -17.76 11.61
C ASP A 269 26.28 -18.40 12.97
N ASN A 270 25.40 -19.40 12.99
CA ASN A 270 25.06 -20.14 14.19
C ASN A 270 24.99 -19.30 15.47
N LYS A 271 23.85 -18.66 15.69
CA LYS A 271 23.62 -17.85 16.88
C LYS A 271 22.22 -18.15 17.39
N ASN A 272 21.95 -17.76 18.64
CA ASN A 272 20.64 -18.02 19.22
C ASN A 272 19.89 -16.72 19.45
N THR A 273 20.61 -15.61 19.43
CA THR A 273 20.01 -14.30 19.65
C THR A 273 20.50 -13.26 18.65
N HIS A 274 19.62 -12.35 18.28
CA HIS A 274 19.97 -11.30 17.33
C HIS A 274 19.08 -10.09 17.54
N THR A 275 19.64 -8.90 17.34
CA THR A 275 18.90 -7.66 17.50
C THR A 275 18.74 -6.93 16.16
N LEU A 276 17.49 -6.76 15.74
CA LEU A 276 17.17 -6.10 14.48
C LEU A 276 16.76 -4.65 14.72
N LEU A 277 17.37 -3.73 13.96
CA LEU A 277 17.08 -2.30 14.08
C LEU A 277 16.41 -1.77 12.80
N LEU A 278 15.17 -1.32 12.91
CA LEU A 278 14.43 -0.81 11.77
C LEU A 278 14.07 0.67 11.89
N ALA A 279 14.10 1.39 10.77
CA ALA A 279 13.77 2.82 10.77
C ALA A 279 12.89 3.19 9.59
N GLY A 280 12.11 4.26 9.77
CA GLY A 280 11.24 4.73 8.70
C GLY A 280 10.43 5.92 9.15
N VAL A 281 9.66 6.50 8.22
CA VAL A 281 8.83 7.65 8.54
C VAL A 281 7.38 7.19 8.38
N PHE A 282 6.55 7.46 9.38
CA PHE A 282 5.16 7.04 9.33
C PHE A 282 4.28 8.08 8.66
N ARG A 283 3.15 7.63 8.15
CA ARG A 283 2.18 8.52 7.51
C ARG A 283 1.96 9.70 8.45
N GLY A 284 2.18 10.90 7.95
CA GLY A 284 2.03 12.09 8.77
C GLY A 284 3.37 12.79 8.96
N GLY A 285 4.46 12.10 8.63
CA GLY A 285 5.79 12.68 8.74
C GLY A 285 6.58 12.41 10.01
N HIS A 286 5.98 11.67 10.95
CA HIS A 286 6.65 11.36 12.21
C HIS A 286 7.54 10.12 12.12
N ASP A 287 8.78 10.25 12.59
CA ASP A 287 9.74 9.15 12.58
C ASP A 287 9.24 7.99 13.43
N ILE A 288 9.56 6.77 13.01
CA ILE A 288 9.16 5.58 13.74
C ILE A 288 10.36 4.64 13.78
N LEU A 289 10.79 4.27 14.99
CA LEU A 289 11.94 3.37 15.13
C LEU A 289 11.49 2.10 15.83
N VAL A 290 12.04 0.98 15.39
CA VAL A 290 11.69 -0.31 15.94
C VAL A 290 12.90 -1.21 16.20
N ARG A 291 12.96 -1.74 17.41
CA ARG A 291 14.05 -2.63 17.77
C ARG A 291 13.46 -3.99 18.14
N SER A 292 13.92 -5.02 17.45
CA SER A 292 13.42 -6.35 17.72
C SER A 292 14.53 -7.29 18.16
N ARG A 293 14.43 -7.76 19.40
CA ARG A 293 15.41 -8.69 19.94
C ARG A 293 14.89 -10.10 19.73
N LEU A 294 15.50 -10.83 18.79
CA LEU A 294 15.06 -12.17 18.49
C LEU A 294 15.79 -13.25 19.30
N LEU A 295 15.04 -14.30 19.60
CA LEU A 295 15.55 -15.42 20.39
C LEU A 295 15.18 -16.70 19.70
N LEU A 296 16.17 -17.57 19.46
CA LEU A 296 15.90 -18.84 18.81
C LEU A 296 15.96 -19.99 19.80
N LEU A 297 14.86 -20.72 19.88
CA LEU A 297 14.75 -21.89 20.75
C LEU A 297 14.12 -22.96 19.88
N ASP A 298 12.96 -23.48 20.28
CA ASP A 298 12.30 -24.48 19.45
C ASP A 298 11.85 -23.70 18.21
N THR A 299 11.33 -22.50 18.44
CA THR A 299 10.86 -21.60 17.40
C THR A 299 11.48 -20.23 17.67
N VAL A 300 11.00 -19.21 16.97
CA VAL A 300 11.52 -17.86 17.17
C VAL A 300 10.57 -16.98 17.95
N THR A 301 11.12 -16.27 18.94
CA THR A 301 10.35 -15.35 19.76
C THR A 301 11.01 -13.99 19.63
N MET A 302 10.26 -12.93 19.86
CA MET A 302 10.87 -11.61 19.77
C MET A 302 10.24 -10.57 20.67
N GLN A 303 11.09 -9.71 21.20
CA GLN A 303 10.67 -8.64 22.06
C GLN A 303 10.75 -7.39 21.19
N VAL A 304 9.59 -6.88 20.80
CA VAL A 304 9.54 -5.70 19.93
C VAL A 304 9.26 -4.40 20.67
N THR A 305 10.23 -3.50 20.59
CA THR A 305 10.13 -2.19 21.23
C THR A 305 10.07 -1.16 20.11
N ALA A 306 9.16 -0.21 20.22
CA ALA A 306 9.00 0.81 19.21
C ALA A 306 8.99 2.19 19.84
N ARG A 307 9.48 3.18 19.10
CA ARG A 307 9.52 4.57 19.55
C ARG A 307 9.13 5.51 18.42
N SER A 308 8.57 6.65 18.79
CA SER A 308 8.15 7.67 17.82
C SER A 308 7.89 8.98 18.56
N SER A 309 7.82 10.08 17.82
CA SER A 309 7.56 11.37 18.44
C SER A 309 6.09 11.42 18.86
N GLU A 310 5.27 10.63 18.18
CA GLU A 310 3.84 10.56 18.47
C GLU A 310 3.50 9.15 18.96
N GLU A 311 2.31 8.99 19.53
CA GLU A 311 1.88 7.71 20.05
C GLU A 311 1.25 6.77 19.02
N LEU A 312 0.46 7.32 18.11
CA LEU A 312 -0.22 6.50 17.11
C LEU A 312 0.69 5.52 16.35
N PRO A 313 1.80 6.01 15.77
CA PRO A 313 2.70 5.12 15.02
C PRO A 313 3.14 3.89 15.83
N VAL A 314 3.49 4.11 17.09
CA VAL A 314 3.91 3.03 17.97
C VAL A 314 2.77 2.04 18.15
N ASP A 315 1.57 2.54 18.40
CA ASP A 315 0.43 1.66 18.58
C ASP A 315 0.07 0.90 17.30
N ILE A 316 0.29 1.53 16.14
CA ILE A 316 -0.01 0.88 14.86
C ILE A 316 0.95 -0.27 14.61
N VAL A 317 2.24 0.00 14.79
CA VAL A 317 3.24 -1.02 14.58
C VAL A 317 3.01 -2.25 15.46
N LEU A 318 2.97 -2.04 16.78
CA LEU A 318 2.77 -3.16 17.70
C LEU A 318 1.50 -3.95 17.46
N ALA A 319 0.41 -3.25 17.13
CA ALA A 319 -0.86 -3.91 16.89
C ALA A 319 -0.87 -4.70 15.58
N SER A 320 0.05 -4.37 14.68
CA SER A 320 0.10 -5.04 13.38
C SER A 320 0.99 -6.27 13.37
N VAL A 321 2.01 -6.27 14.22
CA VAL A 321 2.95 -7.38 14.31
C VAL A 321 2.40 -8.53 15.14
N GLY A 322 1.22 -8.32 15.70
CA GLY A 322 0.59 -9.34 16.51
C GLY A 322 -0.69 -8.83 17.13
S SO4 B . 20.99 -4.88 22.15
O1 SO4 B . 21.98 -4.62 23.22
O2 SO4 B . 20.42 -6.23 22.34
O3 SO4 B . 19.92 -3.87 22.20
O4 SO4 B . 21.67 -4.81 20.85
S SO4 C . -5.21 14.27 3.79
O1 SO4 C . -5.35 12.81 3.93
O2 SO4 C . -6.52 14.84 3.40
O3 SO4 C . -4.79 14.86 5.07
O4 SO4 C . -4.19 14.56 2.77
S SO4 D . 16.46 -1.30 27.28
O1 SO4 D . 16.26 -0.96 28.69
O2 SO4 D . 17.76 -1.98 27.11
O3 SO4 D . 15.38 -2.20 26.83
O4 SO4 D . 16.45 -0.07 26.46
#